data_6U7W
#
_entry.id   6U7W
#
loop_
_entity.id
_entity.type
_entity.pdbx_description
1 polymer GLY-LYS-ALA-LEU-PHE-SER-ASN-PRO-PRO-ILE-ALA-PHE-PRO-ASN
2 non-polymer 1-methyl-1H-1,2,3-triazole
#
_entity_poly.entity_id   1
_entity_poly.type   'polypeptide(L)'
_entity_poly.pdbx_seq_one_letter_code
;GKALFSNPPIAFPN
;
_entity_poly.pdbx_strand_id   A
#
# COMPACT_ATOMS: atom_id res chain seq x y z
N GLY A 1 -0.40 -8.12 0.59
CA GLY A 1 0.98 -7.78 0.84
C GLY A 1 1.51 -6.72 -0.10
N LYS A 2 0.63 -6.12 -0.83
CA LYS A 2 1.00 -5.09 -1.76
C LYS A 2 0.91 -3.73 -1.08
N ALA A 3 2.04 -3.15 -0.83
CA ALA A 3 2.10 -1.83 -0.21
C ALA A 3 2.71 -0.82 -1.12
N LEU A 4 2.05 0.30 -1.22
CA LEU A 4 2.52 1.39 -2.03
C LEU A 4 2.86 2.54 -1.15
N PHE A 5 4.11 2.82 -1.05
CA PHE A 5 4.57 3.90 -0.26
C PHE A 5 4.57 5.14 -1.12
N SER A 6 3.42 5.70 -1.20
CA SER A 6 3.13 6.82 -2.00
C SER A 6 2.27 7.72 -1.13
N ASN A 7 1.61 8.67 -1.71
CA ASN A 7 0.71 9.48 -0.94
C ASN A 7 -0.65 9.42 -1.59
N PRO A 8 -1.67 8.87 -0.90
CA PRO A 8 -1.53 8.26 0.43
C PRO A 8 -0.93 6.84 0.34
N PRO A 9 -0.28 6.34 1.41
CA PRO A 9 0.27 4.99 1.41
C PRO A 9 -0.85 3.96 1.55
N ILE A 10 -1.17 3.31 0.48
CA ILE A 10 -2.22 2.35 0.48
C ILE A 10 -1.64 0.95 0.52
N ALA A 11 -2.19 0.12 1.36
CA ALA A 11 -1.72 -1.23 1.49
C ALA A 11 -2.85 -2.18 1.27
N PHE A 12 -2.54 -3.27 0.65
CA PHE A 12 -3.51 -4.27 0.32
C PHE A 12 -3.20 -5.54 1.10
N PRO A 13 -4.25 -6.25 1.59
CA PRO A 13 -4.10 -7.48 2.41
C PRO A 13 -3.20 -8.57 1.78
N ASN A 14 -3.04 -8.53 0.46
CA ASN A 14 -2.19 -9.55 -0.21
C ASN A 14 -0.71 -9.24 -0.03
N GLY A 1 -0.56 -8.37 0.94
CA GLY A 1 0.84 -8.18 1.26
C GLY A 1 1.60 -7.37 0.22
N LYS A 2 1.06 -6.23 -0.13
CA LYS A 2 1.70 -5.31 -1.07
C LYS A 2 1.37 -3.90 -0.64
N ALA A 3 2.28 -2.98 -0.83
CA ALA A 3 2.11 -1.61 -0.36
C ALA A 3 2.61 -0.58 -1.33
N LEU A 4 1.85 0.47 -1.46
CA LEU A 4 2.18 1.58 -2.30
C LEU A 4 2.81 2.66 -1.47
N PHE A 5 4.06 2.86 -1.69
CA PHE A 5 4.80 3.87 -1.00
C PHE A 5 4.59 5.19 -1.72
N SER A 6 3.50 5.81 -1.40
CA SER A 6 3.09 7.05 -1.99
C SER A 6 2.25 7.79 -0.96
N ASN A 7 1.56 8.81 -1.37
CA ASN A 7 0.68 9.53 -0.49
C ASN A 7 -0.71 9.50 -1.11
N PRO A 8 -1.69 8.85 -0.46
CA PRO A 8 -1.50 8.16 0.83
C PRO A 8 -0.89 6.76 0.66
N PRO A 9 -0.34 6.19 1.72
CA PRO A 9 0.16 4.84 1.69
C PRO A 9 -1.00 3.83 1.56
N ILE A 10 -1.18 3.34 0.37
CA ILE A 10 -2.22 2.37 0.08
C ILE A 10 -1.63 0.99 0.21
N ALA A 11 -2.27 0.14 0.98
CA ALA A 11 -1.74 -1.19 1.14
C ALA A 11 -2.78 -2.22 0.81
N PHE A 12 -2.34 -3.29 0.24
CA PHE A 12 -3.19 -4.37 -0.16
C PHE A 12 -3.12 -5.48 0.88
N PRO A 13 -4.27 -6.03 1.29
CA PRO A 13 -4.36 -7.12 2.30
C PRO A 13 -3.64 -8.42 1.86
N ASN A 14 -3.20 -8.46 0.61
CA ASN A 14 -2.47 -9.60 0.07
C ASN A 14 -0.95 -9.42 0.23
N GLY A 1 -0.59 -8.03 0.87
CA GLY A 1 0.78 -7.77 1.15
C GLY A 1 1.44 -6.87 0.14
N LYS A 2 0.66 -6.29 -0.75
CA LYS A 2 1.22 -5.36 -1.72
C LYS A 2 1.16 -3.95 -1.14
N ALA A 3 2.29 -3.34 -1.04
CA ALA A 3 2.40 -2.00 -0.49
C ALA A 3 3.12 -1.06 -1.39
N LEU A 4 2.55 0.10 -1.55
CA LEU A 4 3.17 1.19 -2.25
C LEU A 4 3.10 2.40 -1.37
N PHE A 5 4.22 2.96 -1.06
CA PHE A 5 4.30 4.08 -0.17
C PHE A 5 4.12 5.39 -0.90
N SER A 6 2.94 5.55 -1.41
CA SER A 6 2.50 6.74 -2.05
C SER A 6 1.94 7.69 -1.00
N ASN A 7 1.18 8.66 -1.41
CA ASN A 7 0.51 9.53 -0.47
C ASN A 7 -0.95 9.70 -0.89
N PRO A 8 -1.90 9.06 -0.18
CA PRO A 8 -1.63 8.18 0.98
C PRO A 8 -1.00 6.84 0.54
N PRO A 9 -0.22 6.20 1.42
CA PRO A 9 0.36 4.90 1.13
C PRO A 9 -0.74 3.86 1.04
N ILE A 10 -0.79 3.15 -0.03
CA ILE A 10 -1.84 2.21 -0.24
C ILE A 10 -1.31 0.82 0.01
N ALA A 11 -1.88 0.14 0.98
CA ALA A 11 -1.49 -1.20 1.23
C ALA A 11 -2.64 -2.12 1.06
N PHE A 12 -2.38 -3.19 0.40
CA PHE A 12 -3.38 -4.17 0.08
C PHE A 12 -3.23 -5.33 1.04
N PRO A 13 -4.37 -5.91 1.50
CA PRO A 13 -4.38 -7.03 2.47
C PRO A 13 -3.52 -8.23 2.05
N ASN A 14 -3.24 -8.33 0.76
CA ASN A 14 -2.46 -9.44 0.22
C ASN A 14 -0.96 -9.22 0.44
N GLY A 1 -0.53 -8.43 0.74
CA GLY A 1 0.89 -8.28 0.95
C GLY A 1 1.52 -7.31 -0.01
N LYS A 2 0.82 -6.24 -0.31
CA LYS A 2 1.35 -5.27 -1.24
C LYS A 2 1.14 -3.86 -0.73
N ALA A 3 2.21 -3.22 -0.39
CA ALA A 3 2.19 -1.85 0.04
C ALA A 3 2.91 -0.97 -0.93
N LEU A 4 2.28 0.13 -1.27
CA LEU A 4 2.84 1.07 -2.20
C LEU A 4 3.30 2.28 -1.45
N PHE A 5 4.45 2.75 -1.80
CA PHE A 5 4.99 3.92 -1.20
C PHE A 5 4.49 5.13 -1.94
N SER A 6 3.39 5.63 -1.46
CA SER A 6 2.69 6.72 -2.04
C SER A 6 2.04 7.51 -0.91
N ASN A 7 1.43 8.63 -1.24
CA ASN A 7 0.74 9.43 -0.25
C ASN A 7 -0.62 9.86 -0.79
N PRO A 8 -1.74 9.42 -0.18
CA PRO A 8 -1.74 8.54 1.02
C PRO A 8 -1.26 7.11 0.69
N PRO A 9 -0.74 6.40 1.69
CA PRO A 9 -0.23 5.05 1.50
C PRO A 9 -1.35 4.05 1.15
N ILE A 10 -1.17 3.34 0.07
CA ILE A 10 -2.13 2.36 -0.38
C ILE A 10 -1.58 0.99 -0.08
N ALA A 11 -2.21 0.27 0.81
CA ALA A 11 -1.77 -1.04 1.14
C ALA A 11 -2.85 -2.05 0.88
N PHE A 12 -2.45 -3.16 0.40
CA PHE A 12 -3.31 -4.25 0.10
C PHE A 12 -3.01 -5.39 1.03
N PRO A 13 -4.04 -6.01 1.60
CA PRO A 13 -3.90 -7.11 2.56
C PRO A 13 -3.31 -8.38 1.94
N ASN A 14 -3.17 -8.39 0.61
CA ASN A 14 -2.53 -9.51 -0.09
C ASN A 14 -1.00 -9.40 -0.03
N GLY A 1 -0.49 -8.55 0.62
CA GLY A 1 0.93 -8.36 0.69
C GLY A 1 1.42 -7.42 -0.37
N LYS A 2 0.89 -6.23 -0.38
CA LYS A 2 1.27 -5.22 -1.33
C LYS A 2 1.10 -3.85 -0.71
N ALA A 3 2.08 -3.00 -0.88
CA ALA A 3 2.06 -1.66 -0.34
C ALA A 3 2.63 -0.65 -1.30
N LEU A 4 1.91 0.44 -1.43
CA LEU A 4 2.31 1.54 -2.23
C LEU A 4 2.79 2.63 -1.31
N PHE A 5 4.05 2.88 -1.36
CA PHE A 5 4.66 3.87 -0.52
C PHE A 5 4.63 5.18 -1.23
N SER A 6 3.55 5.87 -1.06
CA SER A 6 3.30 7.14 -1.69
C SER A 6 2.32 7.90 -0.80
N ASN A 7 1.72 8.93 -1.33
CA ASN A 7 0.72 9.67 -0.63
C ASN A 7 -0.58 9.60 -1.40
N PRO A 8 -1.59 8.90 -0.88
CA PRO A 8 -1.56 8.22 0.42
C PRO A 8 -0.93 6.82 0.35
N PRO A 9 -0.46 6.28 1.49
CA PRO A 9 0.06 4.94 1.55
C PRO A 9 -1.07 3.92 1.41
N ILE A 10 -1.18 3.34 0.26
CA ILE A 10 -2.23 2.38 -0.03
C ILE A 10 -1.68 0.98 0.07
N ALA A 11 -2.21 0.21 0.98
CA ALA A 11 -1.75 -1.13 1.19
C ALA A 11 -2.86 -2.11 0.96
N PHE A 12 -2.51 -3.28 0.55
CA PHE A 12 -3.44 -4.34 0.27
C PHE A 12 -3.06 -5.54 1.11
N PRO A 13 -4.05 -6.17 1.79
CA PRO A 13 -3.80 -7.29 2.72
C PRO A 13 -3.30 -8.59 2.05
N ASN A 14 -3.07 -8.55 0.75
CA ASN A 14 -2.52 -9.69 0.04
C ASN A 14 -1.00 -9.59 -0.01
N GLY A 1 -0.45 -8.21 0.73
CA GLY A 1 0.93 -7.93 1.07
C GLY A 1 1.51 -6.80 0.24
N LYS A 2 0.81 -6.40 -0.80
CA LYS A 2 1.26 -5.32 -1.66
C LYS A 2 1.11 -3.98 -0.94
N ALA A 3 2.15 -3.19 -0.98
CA ALA A 3 2.16 -1.90 -0.35
C ALA A 3 2.74 -0.85 -1.26
N LEU A 4 2.06 0.26 -1.33
CA LEU A 4 2.48 1.35 -2.16
C LEU A 4 2.72 2.56 -1.29
N PHE A 5 3.96 2.87 -1.12
CA PHE A 5 4.36 3.98 -0.29
C PHE A 5 4.41 5.25 -1.11
N SER A 6 3.27 5.82 -1.30
CA SER A 6 3.10 7.03 -2.03
C SER A 6 2.17 7.89 -1.21
N ASN A 7 1.58 8.89 -1.79
CA ASN A 7 0.62 9.68 -1.07
C ASN A 7 -0.79 9.46 -1.62
N PRO A 8 -1.69 8.85 -0.83
CA PRO A 8 -1.42 8.33 0.52
C PRO A 8 -0.89 6.88 0.48
N PRO A 9 -0.19 6.42 1.54
CA PRO A 9 0.32 5.05 1.61
C PRO A 9 -0.82 4.05 1.70
N ILE A 10 -0.95 3.25 0.69
CA ILE A 10 -2.02 2.29 0.62
C ILE A 10 -1.44 0.89 0.61
N ALA A 11 -2.01 0.03 1.41
CA ALA A 11 -1.58 -1.34 1.47
C ALA A 11 -2.72 -2.25 1.21
N PHE A 12 -2.43 -3.30 0.55
CA PHE A 12 -3.41 -4.25 0.14
C PHE A 12 -3.27 -5.51 0.98
N PRO A 13 -4.37 -6.15 1.36
CA PRO A 13 -4.38 -7.36 2.22
C PRO A 13 -3.63 -8.58 1.64
N ASN A 14 -3.06 -8.44 0.46
CA ASN A 14 -2.28 -9.52 -0.16
C ASN A 14 -0.78 -9.31 0.10
N GLY A 1 -0.56 -8.35 0.21
CA GLY A 1 0.82 -8.34 0.60
C GLY A 1 1.58 -7.20 -0.04
N LYS A 2 0.90 -6.37 -0.78
CA LYS A 2 1.54 -5.27 -1.45
C LYS A 2 1.29 -3.96 -0.73
N ALA A 3 2.27 -3.11 -0.71
CA ALA A 3 2.20 -1.81 -0.08
C ALA A 3 2.58 -0.71 -1.02
N LEU A 4 1.76 0.32 -1.03
CA LEU A 4 2.01 1.47 -1.86
C LEU A 4 2.59 2.56 -0.99
N PHE A 5 3.84 2.76 -1.12
CA PHE A 5 4.50 3.78 -0.38
C PHE A 5 4.62 4.99 -1.28
N SER A 6 3.55 5.72 -1.35
CA SER A 6 3.37 6.89 -2.15
C SER A 6 2.22 7.64 -1.49
N ASN A 7 1.66 8.62 -2.13
CA ASN A 7 0.52 9.30 -1.55
C ASN A 7 -0.76 8.91 -2.29
N PRO A 8 -1.79 8.40 -1.60
CA PRO A 8 -1.77 8.20 -0.15
C PRO A 8 -1.12 6.85 0.23
N PRO A 9 -0.48 6.77 1.41
CA PRO A 9 0.09 5.52 1.87
C PRO A 9 -1.01 4.53 2.21
N ILE A 10 -1.04 3.45 1.49
CA ILE A 10 -2.06 2.44 1.64
C ILE A 10 -1.44 1.07 1.37
N ALA A 11 -1.83 0.09 2.16
CA ALA A 11 -1.33 -1.24 2.00
C ALA A 11 -2.47 -2.14 1.66
N PHE A 12 -2.20 -3.18 0.96
CA PHE A 12 -3.22 -4.03 0.47
C PHE A 12 -3.07 -5.43 1.05
N PRO A 13 -4.20 -6.09 1.40
CA PRO A 13 -4.21 -7.45 2.01
C PRO A 13 -3.57 -8.55 1.14
N ASN A 14 -3.18 -8.22 -0.07
CA ASN A 14 -2.52 -9.18 -0.95
C ASN A 14 -1.02 -9.24 -0.65
N GLY A 1 -0.46 -8.12 0.66
CA GLY A 1 0.92 -7.84 0.99
C GLY A 1 1.50 -6.72 0.16
N LYS A 2 0.77 -6.30 -0.85
CA LYS A 2 1.20 -5.23 -1.73
C LYS A 2 1.07 -3.87 -1.04
N ALA A 3 2.13 -3.13 -1.00
CA ALA A 3 2.15 -1.82 -0.37
C ALA A 3 2.69 -0.74 -1.26
N LEU A 4 1.98 0.35 -1.32
CA LEU A 4 2.39 1.51 -2.07
C LEU A 4 2.81 2.58 -1.13
N PHE A 5 4.08 2.84 -1.07
CA PHE A 5 4.58 3.89 -0.25
C PHE A 5 4.54 5.17 -1.06
N SER A 6 3.37 5.69 -1.14
CA SER A 6 3.06 6.82 -1.94
C SER A 6 2.18 7.78 -1.13
N ASN A 7 1.43 8.64 -1.77
CA ASN A 7 0.53 9.54 -1.06
C ASN A 7 -0.88 9.35 -1.60
N PRO A 8 -1.78 8.68 -0.86
CA PRO A 8 -1.50 8.11 0.46
C PRO A 8 -0.87 6.71 0.35
N PRO A 9 -0.13 6.27 1.37
CA PRO A 9 0.44 4.94 1.41
C PRO A 9 -0.62 3.88 1.66
N ILE A 10 -1.14 3.33 0.61
CA ILE A 10 -2.18 2.34 0.68
C ILE A 10 -1.58 0.95 0.63
N ALA A 11 -2.04 0.09 1.51
CA ALA A 11 -1.59 -1.26 1.52
C ALA A 11 -2.73 -2.19 1.24
N PHE A 12 -2.45 -3.20 0.51
CA PHE A 12 -3.40 -4.17 0.10
C PHE A 12 -3.20 -5.41 0.94
N PRO A 13 -4.30 -6.07 1.35
CA PRO A 13 -4.25 -7.23 2.24
C PRO A 13 -3.44 -8.42 1.73
N ASN A 14 -3.09 -8.43 0.46
CA ASN A 14 -2.29 -9.53 -0.09
C ASN A 14 -0.81 -9.31 0.21
N GLY A 1 -0.36 -8.17 0.70
CA GLY A 1 1.04 -7.89 0.92
C GLY A 1 1.57 -6.75 0.08
N LYS A 2 0.77 -6.28 -0.86
CA LYS A 2 1.22 -5.21 -1.71
C LYS A 2 0.96 -3.85 -1.04
N ALA A 3 2.01 -3.08 -0.90
CA ALA A 3 1.95 -1.74 -0.37
C ALA A 3 2.57 -0.75 -1.31
N LEU A 4 1.87 0.31 -1.52
CA LEU A 4 2.32 1.39 -2.35
C LEU A 4 2.69 2.52 -1.43
N PHE A 5 3.94 2.77 -1.34
CA PHE A 5 4.47 3.76 -0.46
C PHE A 5 4.50 5.09 -1.15
N SER A 6 3.51 5.88 -0.90
CA SER A 6 3.33 7.18 -1.49
C SER A 6 2.43 7.99 -0.57
N ASN A 7 1.92 9.09 -1.04
CA ASN A 7 0.95 9.88 -0.31
C ASN A 7 -0.33 9.92 -1.12
N PRO A 8 -1.40 9.23 -0.70
CA PRO A 8 -1.43 8.39 0.51
C PRO A 8 -0.89 6.97 0.23
N PRO A 9 -0.48 6.23 1.28
CA PRO A 9 0.02 4.89 1.12
C PRO A 9 -1.14 3.90 1.00
N ILE A 10 -1.10 3.10 -0.03
CA ILE A 10 -2.17 2.18 -0.32
C ILE A 10 -1.67 0.78 -0.06
N ALA A 11 -2.36 0.03 0.79
CA ALA A 11 -1.93 -1.30 1.11
C ALA A 11 -3.06 -2.28 0.95
N PHE A 12 -2.69 -3.46 0.56
CA PHE A 12 -3.62 -4.53 0.35
C PHE A 12 -3.20 -5.67 1.27
N PRO A 13 -4.16 -6.38 1.89
CA PRO A 13 -3.87 -7.49 2.84
C PRO A 13 -3.11 -8.66 2.18
N ASN A 14 -3.00 -8.60 0.87
CA ASN A 14 -2.25 -9.59 0.12
C ASN A 14 -0.74 -9.37 0.26
N GLY A 1 -0.16 -8.04 0.83
CA GLY A 1 1.20 -7.57 0.88
C GLY A 1 1.49 -6.53 -0.17
N LYS A 2 0.47 -6.17 -0.95
CA LYS A 2 0.64 -5.18 -1.98
C LYS A 2 0.62 -3.80 -1.35
N ALA A 3 1.71 -3.08 -1.48
CA ALA A 3 1.88 -1.79 -0.88
C ALA A 3 2.63 -0.82 -1.73
N LEU A 4 2.29 0.43 -1.52
CA LEU A 4 2.93 1.55 -2.14
C LEU A 4 3.46 2.42 -1.03
N PHE A 5 4.58 3.03 -1.26
CA PHE A 5 5.17 3.94 -0.28
C PHE A 5 4.83 5.37 -0.65
N SER A 6 3.80 5.49 -1.46
CA SER A 6 3.27 6.74 -1.89
C SER A 6 2.45 7.40 -0.77
N ASN A 7 1.97 8.58 -1.04
CA ASN A 7 1.11 9.32 -0.14
C ASN A 7 -0.08 9.78 -0.95
N PRO A 8 -1.30 9.39 -0.60
CA PRO A 8 -1.60 8.51 0.56
C PRO A 8 -1.17 7.05 0.34
N PRO A 9 -0.78 6.36 1.40
CA PRO A 9 -0.42 4.95 1.31
C PRO A 9 -1.66 4.05 1.17
N ILE A 10 -1.65 3.22 0.16
CA ILE A 10 -2.74 2.30 -0.08
C ILE A 10 -2.19 0.88 -0.19
N ALA A 11 -2.61 0.05 0.73
CA ALA A 11 -2.11 -1.29 0.84
C ALA A 11 -3.24 -2.29 0.81
N PHE A 12 -2.92 -3.47 0.39
CA PHE A 12 -3.83 -4.57 0.36
C PHE A 12 -3.26 -5.69 1.22
N PRO A 13 -4.11 -6.40 2.00
CA PRO A 13 -3.70 -7.44 2.98
C PRO A 13 -2.79 -8.55 2.42
N ASN A 14 -2.73 -8.68 1.11
CA ASN A 14 -1.90 -9.70 0.48
C ASN A 14 -0.42 -9.30 0.51
N GLY A 1 -0.56 -8.25 0.40
CA GLY A 1 0.84 -8.05 0.69
C GLY A 1 1.45 -6.94 -0.15
N LYS A 2 0.61 -6.25 -0.88
CA LYS A 2 1.08 -5.15 -1.70
C LYS A 2 1.02 -3.86 -0.94
N ALA A 3 2.10 -3.16 -0.94
CA ALA A 3 2.23 -1.89 -0.28
C ALA A 3 2.88 -0.90 -1.19
N LEU A 4 2.32 0.27 -1.25
CA LEU A 4 2.86 1.32 -2.05
C LEU A 4 3.28 2.46 -1.16
N PHE A 5 4.44 2.99 -1.41
CA PHE A 5 4.96 4.07 -0.63
C PHE A 5 4.94 5.34 -1.42
N SER A 6 3.82 5.97 -1.33
CA SER A 6 3.50 7.20 -1.96
C SER A 6 2.34 7.76 -1.15
N ASN A 7 1.65 8.73 -1.65
CA ASN A 7 0.51 9.27 -0.94
C ASN A 7 -0.72 9.27 -1.85
N PRO A 8 -1.87 8.80 -1.36
CA PRO A 8 -2.06 8.28 0.01
C PRO A 8 -1.48 6.87 0.17
N PRO A 9 -0.71 6.61 1.25
CA PRO A 9 -0.12 5.31 1.49
C PRO A 9 -1.17 4.28 1.90
N ILE A 10 -1.33 3.28 1.09
CA ILE A 10 -2.29 2.26 1.34
C ILE A 10 -1.66 0.90 1.11
N ALA A 11 -1.96 -0.04 1.97
CA ALA A 11 -1.48 -1.37 1.83
C ALA A 11 -2.64 -2.29 1.58
N PHE A 12 -2.40 -3.29 0.83
CA PHE A 12 -3.43 -4.19 0.43
C PHE A 12 -3.21 -5.54 1.12
N PRO A 13 -4.30 -6.21 1.55
CA PRO A 13 -4.23 -7.49 2.30
C PRO A 13 -3.51 -8.65 1.56
N ASN A 14 -3.20 -8.45 0.31
CA ASN A 14 -2.47 -9.46 -0.47
C ASN A 14 -0.97 -9.34 -0.22
N GLY A 1 -0.32 -8.18 0.53
CA GLY A 1 1.07 -7.93 0.80
C GLY A 1 1.64 -6.84 -0.09
N LYS A 2 0.78 -6.17 -0.82
CA LYS A 2 1.22 -5.11 -1.67
C LYS A 2 1.03 -3.78 -0.96
N ALA A 3 2.06 -3.00 -0.88
CA ALA A 3 2.01 -1.72 -0.21
C ALA A 3 2.52 -0.64 -1.11
N LEU A 4 1.78 0.44 -1.17
CA LEU A 4 2.16 1.57 -1.96
C LEU A 4 2.78 2.62 -1.09
N PHE A 5 4.08 2.71 -1.14
CA PHE A 5 4.77 3.72 -0.42
C PHE A 5 4.79 4.98 -1.27
N SER A 6 3.65 5.57 -1.32
CA SER A 6 3.34 6.72 -2.09
C SER A 6 2.27 7.48 -1.35
N ASN A 7 1.75 8.53 -1.92
CA ASN A 7 0.67 9.23 -1.29
C ASN A 7 -0.64 8.94 -2.03
N PRO A 8 -1.68 8.48 -1.34
CA PRO A 8 -1.66 8.23 0.11
C PRO A 8 -1.12 6.82 0.40
N PRO A 9 -0.41 6.64 1.53
CA PRO A 9 0.12 5.33 1.91
C PRO A 9 -1.00 4.33 2.17
N ILE A 10 -1.19 3.43 1.23
CA ILE A 10 -2.24 2.46 1.30
C ILE A 10 -1.67 1.06 1.04
N ALA A 11 -2.12 0.10 1.79
CA ALA A 11 -1.67 -1.25 1.64
C ALA A 11 -2.82 -2.14 1.26
N PHE A 12 -2.50 -3.22 0.62
CA PHE A 12 -3.46 -4.19 0.18
C PHE A 12 -3.21 -5.48 0.95
N PRO A 13 -4.27 -6.20 1.35
CA PRO A 13 -4.18 -7.45 2.17
C PRO A 13 -3.50 -8.63 1.46
N ASN A 14 -2.90 -8.38 0.32
CA ASN A 14 -2.17 -9.39 -0.42
C ASN A 14 -0.68 -9.21 -0.20
N GLY A 1 -0.32 -8.21 0.23
CA GLY A 1 1.07 -7.88 0.25
C GLY A 1 1.42 -6.83 -0.77
N LYS A 2 0.61 -5.80 -0.82
CA LYS A 2 0.84 -4.68 -1.71
C LYS A 2 0.73 -3.39 -0.95
N ALA A 3 1.78 -2.63 -0.98
CA ALA A 3 1.83 -1.37 -0.29
C ALA A 3 2.33 -0.25 -1.16
N LEU A 4 1.64 0.85 -1.11
CA LEU A 4 2.05 2.03 -1.81
C LEU A 4 2.92 2.84 -0.88
N PHE A 5 4.16 2.98 -1.23
CA PHE A 5 5.15 3.67 -0.43
C PHE A 5 5.21 5.14 -0.85
N SER A 6 4.09 5.65 -1.23
CA SER A 6 3.92 7.00 -1.67
C SER A 6 2.59 7.47 -1.11
N ASN A 7 2.20 8.69 -1.40
CA ASN A 7 0.90 9.19 -0.97
C ASN A 7 -0.14 8.94 -2.03
N PRO A 8 -1.30 8.40 -1.68
CA PRO A 8 -1.64 8.00 -0.31
C PRO A 8 -1.24 6.54 -0.02
N PRO A 9 -0.65 6.26 1.15
CA PRO A 9 -0.21 4.92 1.51
C PRO A 9 -1.37 3.96 1.72
N ILE A 10 -1.70 3.23 0.70
CA ILE A 10 -2.73 2.24 0.77
C ILE A 10 -2.05 0.88 0.79
N ALA A 11 -2.47 0.03 1.69
CA ALA A 11 -1.90 -1.28 1.77
C ALA A 11 -2.97 -2.32 1.62
N PHE A 12 -2.64 -3.33 0.90
CA PHE A 12 -3.55 -4.41 0.59
C PHE A 12 -3.06 -5.65 1.28
N PRO A 13 -3.97 -6.42 1.90
CA PRO A 13 -3.62 -7.62 2.69
C PRO A 13 -2.92 -8.72 1.89
N ASN A 14 -2.93 -8.62 0.56
CA ASN A 14 -2.25 -9.61 -0.28
C ASN A 14 -0.73 -9.35 -0.31
N GLY A 1 -0.46 -8.32 0.53
CA GLY A 1 0.95 -8.01 0.59
C GLY A 1 1.36 -7.17 -0.59
N LYS A 2 0.79 -6.01 -0.68
CA LYS A 2 1.13 -5.06 -1.71
C LYS A 2 0.97 -3.68 -1.14
N ALA A 3 2.08 -3.04 -0.87
CA ALA A 3 2.09 -1.73 -0.30
C ALA A 3 2.65 -0.70 -1.23
N LEU A 4 1.96 0.39 -1.32
CA LEU A 4 2.36 1.49 -2.13
C LEU A 4 2.79 2.59 -1.22
N PHE A 5 4.08 2.77 -1.08
CA PHE A 5 4.58 3.82 -0.26
C PHE A 5 4.58 5.09 -1.08
N SER A 6 3.51 5.81 -0.97
CA SER A 6 3.31 7.01 -1.68
C SER A 6 2.35 7.83 -0.85
N ASN A 7 1.78 8.84 -1.41
CA ASN A 7 0.75 9.61 -0.75
C ASN A 7 -0.51 9.53 -1.58
N PRO A 8 -1.59 8.89 -1.08
CA PRO A 8 -1.61 8.25 0.24
C PRO A 8 -0.98 6.84 0.22
N PRO A 9 -0.43 6.38 1.35
CA PRO A 9 0.13 5.04 1.45
C PRO A 9 -0.98 3.99 1.49
N ILE A 10 -1.20 3.36 0.37
CA ILE A 10 -2.26 2.37 0.25
C ILE A 10 -1.64 0.99 0.33
N ALA A 11 -2.22 0.12 1.14
CA ALA A 11 -1.74 -1.22 1.28
C ALA A 11 -2.85 -2.18 1.09
N PHE A 12 -2.54 -3.32 0.56
CA PHE A 12 -3.51 -4.35 0.33
C PHE A 12 -3.14 -5.58 1.15
N PRO A 13 -4.15 -6.27 1.77
CA PRO A 13 -3.93 -7.43 2.69
C PRO A 13 -3.09 -8.57 2.10
N ASN A 14 -3.10 -8.67 0.79
CA ASN A 14 -2.36 -9.73 0.09
C ASN A 14 -0.85 -9.50 0.14
N GLY A 1 -0.41 -8.16 0.79
CA GLY A 1 0.98 -7.83 1.00
C GLY A 1 1.48 -6.76 0.04
N LYS A 2 0.58 -6.20 -0.73
CA LYS A 2 0.94 -5.16 -1.68
C LYS A 2 0.87 -3.81 -1.02
N ALA A 3 2.00 -3.22 -0.83
CA ALA A 3 2.12 -1.91 -0.28
C ALA A 3 2.91 -1.02 -1.17
N LEU A 4 2.39 0.14 -1.40
CA LEU A 4 3.02 1.13 -2.21
C LEU A 4 3.20 2.37 -1.39
N PHE A 5 4.42 2.82 -1.28
CA PHE A 5 4.70 4.00 -0.53
C PHE A 5 4.37 5.24 -1.35
N SER A 6 3.18 5.68 -1.19
CA SER A 6 2.66 6.83 -1.85
C SER A 6 2.15 7.80 -0.78
N ASN A 7 1.43 8.80 -1.17
CA ASN A 7 0.83 9.73 -0.24
C ASN A 7 -0.57 10.12 -0.73
N PRO A 8 -1.64 9.51 -0.16
CA PRO A 8 -1.56 8.52 0.93
C PRO A 8 -1.09 7.15 0.45
N PRO A 9 -0.35 6.41 1.30
CA PRO A 9 0.11 5.05 0.97
C PRO A 9 -1.06 4.09 0.75
N ILE A 10 -0.90 3.17 -0.16
CA ILE A 10 -1.93 2.22 -0.46
C ILE A 10 -1.44 0.80 -0.19
N ALA A 11 -2.20 0.07 0.63
CA ALA A 11 -1.83 -1.28 1.00
C ALA A 11 -2.99 -2.22 0.86
N PHE A 12 -2.68 -3.43 0.51
CA PHE A 12 -3.66 -4.48 0.34
C PHE A 12 -3.28 -5.65 1.21
N PRO A 13 -4.28 -6.33 1.84
CA PRO A 13 -4.08 -7.50 2.73
C PRO A 13 -3.23 -8.64 2.14
N ASN A 14 -3.08 -8.64 0.83
CA ASN A 14 -2.25 -9.63 0.13
C ASN A 14 -0.75 -9.36 0.33
N GLY A 1 -0.37 -8.02 0.20
CA GLY A 1 1.00 -7.61 0.21
C GLY A 1 1.28 -6.46 -0.73
N LYS A 2 0.24 -5.78 -1.15
CA LYS A 2 0.41 -4.66 -2.02
C LYS A 2 0.51 -3.40 -1.15
N ALA A 3 1.71 -2.88 -1.06
CA ALA A 3 2.01 -1.69 -0.29
C ALA A 3 2.86 -0.74 -1.05
N LEU A 4 2.48 0.50 -1.04
CA LEU A 4 3.21 1.55 -1.72
C LEU A 4 3.44 2.67 -0.75
N PHE A 5 4.57 3.33 -0.85
CA PHE A 5 4.91 4.40 0.07
C PHE A 5 4.52 5.76 -0.48
N SER A 6 4.12 5.79 -1.73
CA SER A 6 3.66 7.01 -2.33
C SER A 6 2.32 7.41 -1.76
N ASN A 7 2.21 8.66 -1.37
CA ASN A 7 0.99 9.21 -0.77
C ASN A 7 -0.14 9.24 -1.79
N PRO A 8 -1.34 8.69 -1.47
CA PRO A 8 -1.64 8.09 -0.18
C PRO A 8 -1.27 6.59 -0.11
N PRO A 9 -0.56 6.17 0.96
CA PRO A 9 -0.13 4.79 1.11
C PRO A 9 -1.28 3.89 1.55
N ILE A 10 -1.76 3.11 0.66
CA ILE A 10 -2.80 2.16 0.96
C ILE A 10 -2.21 0.77 0.90
N ALA A 11 -2.59 -0.08 1.81
CA ALA A 11 -2.03 -1.40 1.84
C ALA A 11 -3.10 -2.42 1.73
N PHE A 12 -2.80 -3.44 1.03
CA PHE A 12 -3.71 -4.50 0.81
C PHE A 12 -3.16 -5.76 1.45
N PRO A 13 -4.04 -6.58 2.05
CA PRO A 13 -3.67 -7.82 2.76
C PRO A 13 -2.86 -8.82 1.90
N ASN A 14 -2.92 -8.65 0.59
CA ASN A 14 -2.21 -9.52 -0.34
C ASN A 14 -0.74 -9.14 -0.43
N GLY A 1 -0.30 -8.03 0.94
CA GLY A 1 1.07 -7.64 1.03
C GLY A 1 1.43 -6.50 0.10
N LYS A 2 0.62 -6.32 -0.94
CA LYS A 2 0.88 -5.29 -1.93
C LYS A 2 0.78 -3.90 -1.31
N ALA A 3 1.86 -3.19 -1.33
CA ALA A 3 1.97 -1.89 -0.75
C ALA A 3 2.77 -0.96 -1.60
N LEU A 4 2.29 0.24 -1.70
CA LEU A 4 3.03 1.28 -2.35
C LEU A 4 3.10 2.42 -1.39
N PHE A 5 4.28 2.77 -0.99
CA PHE A 5 4.45 3.84 -0.06
C PHE A 5 4.46 5.18 -0.74
N SER A 6 3.29 5.59 -1.07
CA SER A 6 3.00 6.84 -1.65
C SER A 6 2.32 7.69 -0.58
N ASN A 7 1.61 8.71 -0.98
CA ASN A 7 0.89 9.55 -0.06
C ASN A 7 -0.44 9.95 -0.67
N PRO A 8 -1.57 9.40 -0.16
CA PRO A 8 -1.59 8.39 0.92
C PRO A 8 -1.15 7.00 0.43
N PRO A 9 -0.42 6.24 1.26
CA PRO A 9 0.06 4.91 0.88
C PRO A 9 -1.08 3.91 0.77
N ILE A 10 -1.12 3.19 -0.33
CA ILE A 10 -2.19 2.25 -0.56
C ILE A 10 -1.69 0.83 -0.45
N ALA A 11 -2.32 0.08 0.43
CA ALA A 11 -1.92 -1.26 0.68
C ALA A 11 -3.06 -2.19 0.52
N PHE A 12 -2.73 -3.43 0.36
CA PHE A 12 -3.64 -4.50 0.26
C PHE A 12 -3.19 -5.54 1.28
N PRO A 13 -4.13 -6.21 1.96
CA PRO A 13 -3.80 -7.19 3.02
C PRO A 13 -3.04 -8.42 2.50
N ASN A 14 -2.90 -8.52 1.19
CA ASN A 14 -2.13 -9.58 0.56
C ASN A 14 -0.64 -9.25 0.55
N GLY A 1 -0.25 -7.81 0.14
CA GLY A 1 1.07 -7.27 0.25
C GLY A 1 1.26 -6.05 -0.59
N LYS A 2 0.22 -5.61 -1.27
CA LYS A 2 0.31 -4.43 -2.09
C LYS A 2 0.33 -3.19 -1.19
N ALA A 3 1.44 -2.52 -1.18
CA ALA A 3 1.67 -1.37 -0.34
C ALA A 3 2.32 -0.26 -1.07
N LEU A 4 1.81 0.91 -0.90
CA LEU A 4 2.38 2.06 -1.50
C LEU A 4 3.12 2.84 -0.45
N PHE A 5 4.33 3.21 -0.73
CA PHE A 5 5.07 4.09 0.15
C PHE A 5 4.76 5.51 -0.29
N SER A 6 4.35 5.59 -1.54
CA SER A 6 3.94 6.79 -2.16
C SER A 6 2.56 7.16 -1.67
N ASN A 7 2.24 8.42 -1.68
CA ASN A 7 0.93 8.87 -1.24
C ASN A 7 -0.14 8.53 -2.29
N PRO A 8 -1.30 8.01 -1.88
CA PRO A 8 -1.58 7.67 -0.48
C PRO A 8 -1.08 6.26 -0.12
N PRO A 9 -0.43 6.09 1.05
CA PRO A 9 0.08 4.80 1.47
C PRO A 9 -1.05 3.87 1.88
N ILE A 10 -1.56 3.17 0.91
CA ILE A 10 -2.62 2.23 1.13
C ILE A 10 -2.06 0.82 1.01
N ALA A 11 -2.50 -0.05 1.88
CA ALA A 11 -2.04 -1.40 1.88
C ALA A 11 -3.16 -2.38 1.79
N PHE A 12 -2.91 -3.42 1.07
CA PHE A 12 -3.85 -4.48 0.85
C PHE A 12 -3.21 -5.77 1.38
N PRO A 13 -4.01 -6.67 2.02
CA PRO A 13 -3.52 -7.93 2.66
C PRO A 13 -2.70 -8.85 1.74
N ASN A 14 -2.73 -8.62 0.44
CA ASN A 14 -1.93 -9.42 -0.51
C ASN A 14 -0.49 -8.92 -0.52
N GLY A 1 -0.33 -8.18 0.86
CA GLY A 1 1.05 -7.95 1.20
C GLY A 1 1.67 -6.86 0.36
N LYS A 2 0.95 -6.41 -0.65
CA LYS A 2 1.45 -5.37 -1.51
C LYS A 2 1.16 -4.00 -0.91
N ALA A 3 2.18 -3.26 -0.67
CA ALA A 3 2.05 -1.91 -0.19
C ALA A 3 2.56 -0.92 -1.19
N LEU A 4 1.79 0.11 -1.42
CA LEU A 4 2.15 1.15 -2.31
C LEU A 4 2.57 2.35 -1.51
N PHE A 5 3.84 2.63 -1.53
CA PHE A 5 4.37 3.74 -0.80
C PHE A 5 4.25 5.00 -1.62
N SER A 6 3.45 5.89 -1.13
CA SER A 6 3.16 7.15 -1.74
C SER A 6 2.33 7.89 -0.70
N ASN A 7 1.76 9.00 -1.06
CA ASN A 7 0.86 9.68 -0.16
C ASN A 7 -0.48 9.86 -0.87
N PRO A 8 -1.53 9.14 -0.45
CA PRO A 8 -1.49 8.24 0.73
C PRO A 8 -0.89 6.86 0.40
N PRO A 9 -0.38 6.13 1.40
CA PRO A 9 0.14 4.79 1.18
C PRO A 9 -1.00 3.80 1.15
N ILE A 10 -1.23 3.23 0.01
CA ILE A 10 -2.31 2.29 -0.15
C ILE A 10 -1.76 0.89 0.00
N ALA A 11 -2.21 0.20 1.00
CA ALA A 11 -1.76 -1.13 1.22
C ALA A 11 -2.84 -2.11 0.91
N PHE A 12 -2.45 -3.19 0.32
CA PHE A 12 -3.35 -4.21 -0.05
C PHE A 12 -3.12 -5.38 0.88
N PRO A 13 -4.18 -5.98 1.41
CA PRO A 13 -4.09 -7.07 2.42
C PRO A 13 -3.34 -8.34 1.95
N ASN A 14 -2.97 -8.38 0.68
CA ASN A 14 -2.23 -9.52 0.15
C ASN A 14 -0.73 -9.37 0.43
N GLY A 1 -0.56 -8.27 0.34
CA GLY A 1 0.88 -8.10 0.36
C GLY A 1 1.36 -7.03 -0.59
N LYS A 2 0.45 -6.15 -0.98
CA LYS A 2 0.79 -5.07 -1.89
C LYS A 2 0.89 -3.76 -1.11
N ALA A 3 2.07 -3.17 -1.09
CA ALA A 3 2.33 -1.91 -0.43
C ALA A 3 3.18 -1.01 -1.26
N LEU A 4 2.74 0.22 -1.35
CA LEU A 4 3.43 1.27 -2.02
C LEU A 4 3.46 2.43 -1.07
N PHE A 5 4.61 3.01 -0.83
CA PHE A 5 4.67 4.15 0.03
C PHE A 5 4.54 5.41 -0.81
N SER A 6 3.33 5.68 -1.17
CA SER A 6 2.96 6.82 -1.93
C SER A 6 2.06 7.70 -1.08
N ASN A 7 1.46 8.70 -1.66
CA ASN A 7 0.51 9.52 -0.94
C ASN A 7 -0.84 9.45 -1.62
N PRO A 8 -1.89 8.91 -0.96
CA PRO A 8 -1.78 8.33 0.39
C PRO A 8 -1.18 6.90 0.34
N PRO A 9 -0.52 6.44 1.42
CA PRO A 9 0.05 5.10 1.46
C PRO A 9 -1.06 4.04 1.44
N ILE A 10 -1.15 3.32 0.36
CA ILE A 10 -2.20 2.34 0.20
C ILE A 10 -1.61 0.95 0.23
N ALA A 11 -2.06 0.16 1.19
CA ALA A 11 -1.62 -1.19 1.35
C ALA A 11 -2.80 -2.11 1.28
N PHE A 12 -2.56 -3.28 0.78
CA PHE A 12 -3.57 -4.29 0.64
C PHE A 12 -3.14 -5.52 1.40
N PRO A 13 -4.09 -6.21 2.08
CA PRO A 13 -3.81 -7.41 2.89
C PRO A 13 -3.39 -8.64 2.06
N ASN A 14 -3.13 -8.42 0.79
CA ASN A 14 -2.63 -9.45 -0.09
C ASN A 14 -1.10 -9.39 -0.13
#